data_4D3C
#
_entry.id   4D3C
#
_cell.length_a   86.703
_cell.length_b   297.692
_cell.length_c   70.713
_cell.angle_alpha   90.00
_cell.angle_beta   90.00
_cell.angle_gamma   90.00
#
_symmetry.space_group_name_H-M   'C 2 2 21'
#
loop_
_entity.id
_entity.type
_entity.pdbx_description
1 polymer 'HEPATOCYTE GROWTH FACTOR'
2 polymer 'SFN68 FAB'
3 polymer 'SFN68 FAB'
4 water water
#
loop_
_entity_poly.entity_id
_entity_poly.type
_entity_poly.pdbx_seq_one_letter_code
_entity_poly.pdbx_strand_id
1 'polypeptide(L)'
;MGSSHHHHHHSQDPQRKRRNTIHEFKKSAKTTLIKIDPALKIKTKKVNTADQCANRCTRNKGLPFTCKAFVFDKARKQCL
WFPFNSMSSGVKKEFGHEFDLYENKDYIRNCIIGKGGSYKGTVSITKSGIKCQPWSSMIPHEHSFLPSSYRGKDLQENYC
RNPRGEEGGPWCFTSNPEVRYEVCDIPQCSEVE
;
A
2 'polypeptide(L)'
;QQQLVESGGRLVNPGESLTLTCKASGFTFSTYYMSWVRQAPGKGLEWIGYIGTSSGTTYYANSVKGRFTISSDNAQNTVF
LQMTSLTDSDTATYFCARGLGRINLWGPGTLVTVSSASTKGPSVFPLAPCSRSTSESTAALGCLVKDYFPEPVTVSWNSG
ALTSGVHTFPAVLQSSGLYSLSSVVTVPSSSLGTKTYTCNVDHKPSNTKVDKRVESKY
;
H
3 'polypeptide(L)'
;ELDLTQTPSSVSAAVGGTVTINCQASQSVSNLLAWYQQKPGQPPKLLIYGASNLESGVPSRFRGSGSGTEFTLTISGMKA
EDAATYYCQSGYYSAGATFGAGTNVEIKRTVAAPSVFIFPPSDEQLKSGTASVVCLLNNFYPREAKVQWKVDNALQSGNS
QESVTEQDSKDSTYSLSSTLTLSKADYEKHKVYACEVTHQGLSSPVTKSFNRGEC
;
L
#
# COMPACT_ATOMS: atom_id res chain seq x y z
N ASN A 20 -8.19 -31.96 -41.35
CA ASN A 20 -8.44 -32.46 -39.96
C ASN A 20 -9.52 -31.64 -39.23
N THR A 21 -10.07 -32.21 -38.17
CA THR A 21 -11.36 -31.73 -37.65
C THR A 21 -11.52 -31.62 -36.12
N ILE A 22 -10.45 -31.78 -35.35
CA ILE A 22 -10.55 -31.63 -33.88
C ILE A 22 -10.66 -30.14 -33.48
N HIS A 23 -10.10 -29.27 -34.32
CA HIS A 23 -10.17 -27.82 -34.14
C HIS A 23 -11.60 -27.37 -33.86
N GLU A 24 -12.55 -27.99 -34.56
CA GLU A 24 -13.96 -27.57 -34.56
C GLU A 24 -14.76 -28.26 -33.47
N PHE A 25 -14.09 -28.66 -32.40
CA PHE A 25 -14.76 -29.35 -31.30
C PHE A 25 -14.51 -28.70 -29.95
N LYS A 26 -15.56 -28.62 -29.15
CA LYS A 26 -15.43 -28.20 -27.77
C LYS A 26 -14.91 -29.39 -26.98
N LYS A 27 -13.61 -29.38 -26.75
CA LYS A 27 -12.95 -30.47 -26.06
C LYS A 27 -12.84 -30.19 -24.56
N SER A 28 -13.42 -31.08 -23.75
CA SER A 28 -13.22 -31.06 -22.31
C SER A 28 -12.21 -32.15 -21.95
N ALA A 29 -11.06 -31.75 -21.42
CA ALA A 29 -9.97 -32.68 -21.12
C ALA A 29 -10.33 -33.65 -20.00
N LYS A 30 -9.49 -34.68 -19.83
CA LYS A 30 -9.54 -35.61 -18.68
C LYS A 30 -10.91 -36.25 -18.41
N THR A 31 -11.77 -36.31 -19.43
CA THR A 31 -13.14 -36.75 -19.22
C THR A 31 -13.59 -37.72 -20.32
N ALA A 50 -7.70 -40.14 -32.93
CA ALA A 50 -7.79 -38.74 -32.51
C ALA A 50 -8.42 -37.91 -33.62
N ASP A 51 -7.60 -37.48 -34.57
CA ASP A 51 -8.10 -36.77 -35.75
C ASP A 51 -8.99 -37.69 -36.57
N GLN A 52 -8.70 -38.99 -36.54
CA GLN A 52 -9.53 -39.99 -37.21
C GLN A 52 -10.95 -39.98 -36.64
N CYS A 53 -11.04 -39.96 -35.32
CA CYS A 53 -12.33 -39.90 -34.65
C CYS A 53 -13.16 -38.69 -35.01
N ALA A 54 -12.52 -37.53 -34.96
CA ALA A 54 -13.19 -36.27 -35.27
C ALA A 54 -13.59 -36.23 -36.73
N ASN A 55 -12.71 -36.71 -37.62
CA ASN A 55 -13.01 -36.73 -39.07
C ASN A 55 -14.20 -37.61 -39.38
N ARG A 56 -14.20 -38.82 -38.84
CA ARG A 56 -15.27 -39.80 -39.06
C ARG A 56 -16.57 -39.39 -38.35
N CYS A 57 -16.45 -38.53 -37.34
CA CYS A 57 -17.61 -37.93 -36.70
C CYS A 57 -18.12 -36.75 -37.50
N THR A 58 -17.22 -36.01 -38.14
CA THR A 58 -17.57 -34.81 -38.92
C THR A 58 -18.31 -35.14 -40.21
N ARG A 59 -17.85 -36.17 -40.90
CA ARG A 59 -18.50 -36.62 -42.14
C ARG A 59 -19.78 -37.38 -41.87
N ASN A 60 -19.91 -37.91 -40.65
CA ASN A 60 -20.94 -38.88 -40.32
C ASN A 60 -20.86 -40.09 -41.25
N LYS A 61 -19.63 -40.51 -41.53
CA LYS A 61 -19.37 -41.66 -42.39
C LYS A 61 -19.66 -42.96 -41.62
N GLY A 62 -20.57 -43.76 -42.16
CA GLY A 62 -20.92 -45.04 -41.56
C GLY A 62 -21.65 -44.92 -40.23
N LEU A 63 -22.42 -43.85 -40.07
CA LEU A 63 -23.14 -43.57 -38.82
C LEU A 63 -24.66 -43.63 -38.99
N PRO A 64 -25.34 -44.43 -38.13
CA PRO A 64 -26.81 -44.60 -38.09
C PRO A 64 -27.58 -43.41 -37.52
N PHE A 65 -26.87 -42.31 -37.26
CA PHE A 65 -27.45 -41.11 -36.63
C PHE A 65 -26.58 -39.91 -36.94
N THR A 66 -26.89 -38.78 -36.30
CA THR A 66 -26.03 -37.61 -36.34
C THR A 66 -25.08 -37.70 -35.13
N CYS A 67 -23.78 -37.50 -35.36
CA CYS A 67 -22.76 -37.60 -34.29
C CYS A 67 -22.56 -36.27 -33.58
N LYS A 68 -23.26 -36.08 -32.46
CA LYS A 68 -23.21 -34.81 -31.72
C LYS A 68 -21.93 -34.71 -30.88
N ALA A 69 -21.50 -35.84 -30.33
CA ALA A 69 -20.32 -35.86 -29.48
C ALA A 69 -19.48 -37.10 -29.73
N PHE A 70 -18.30 -37.15 -29.14
CA PHE A 70 -17.45 -38.35 -29.14
C PHE A 70 -16.37 -38.33 -28.06
N VAL A 71 -15.84 -39.50 -27.75
CA VAL A 71 -14.73 -39.64 -26.79
C VAL A 71 -13.56 -40.25 -27.51
N PHE A 72 -12.36 -39.78 -27.20
CA PHE A 72 -11.13 -40.43 -27.69
C PHE A 72 -10.44 -41.20 -26.55
N CYS A 79 -11.42 -44.26 -30.39
CA CYS A 79 -12.56 -43.34 -30.24
C CYS A 79 -13.91 -43.99 -30.33
N LEU A 80 -14.95 -43.22 -30.01
CA LEU A 80 -16.33 -43.70 -30.09
C LEU A 80 -17.32 -42.55 -30.01
N TRP A 81 -18.44 -42.70 -30.72
CA TRP A 81 -19.32 -41.57 -31.05
C TRP A 81 -20.68 -41.61 -30.33
N PHE A 82 -21.35 -40.45 -30.26
CA PHE A 82 -22.69 -40.37 -29.70
C PHE A 82 -23.57 -39.43 -30.51
N PRO A 83 -24.88 -39.77 -30.61
CA PRO A 83 -25.97 -38.89 -31.05
C PRO A 83 -26.62 -38.18 -29.87
N PHE A 84 -25.78 -37.76 -28.91
CA PHE A 84 -26.21 -37.06 -27.72
C PHE A 84 -24.98 -36.45 -27.03
N ASN A 85 -25.10 -35.21 -26.56
CA ASN A 85 -23.98 -34.52 -25.88
C ASN A 85 -24.18 -34.44 -24.36
N SER A 86 -23.32 -33.69 -23.68
CA SER A 86 -23.39 -33.56 -22.22
C SER A 86 -24.65 -32.82 -21.75
N MET A 87 -25.30 -32.11 -22.67
CA MET A 87 -26.57 -31.43 -22.37
C MET A 87 -27.76 -32.40 -22.28
N SER A 88 -27.57 -33.64 -22.74
CA SER A 88 -28.62 -34.67 -22.71
C SER A 88 -28.96 -35.14 -21.29
N ASP A 100 -11.09 -37.57 -22.38
CA ASP A 100 -11.27 -36.44 -23.30
C ASP A 100 -12.60 -36.49 -24.07
N LEU A 101 -13.51 -35.56 -23.76
CA LEU A 101 -14.79 -35.45 -24.46
C LEU A 101 -14.80 -34.30 -25.45
N TYR A 102 -15.33 -34.57 -26.64
CA TYR A 102 -15.36 -33.59 -27.71
C TYR A 102 -16.79 -33.43 -28.21
N GLU A 103 -17.31 -32.21 -28.18
CA GLU A 103 -18.68 -31.97 -28.62
C GLU A 103 -18.75 -31.06 -29.84
N ASN A 104 -19.67 -31.38 -30.74
CA ASN A 104 -19.80 -30.63 -31.97
C ASN A 104 -20.41 -29.27 -31.67
N LYS A 105 -19.71 -28.21 -32.07
CA LYS A 105 -20.17 -26.83 -31.86
C LYS A 105 -21.47 -26.49 -32.58
N ASP A 106 -21.85 -27.31 -33.57
CA ASP A 106 -23.18 -27.26 -34.18
C ASP A 106 -24.28 -27.66 -33.19
N TYR A 107 -23.95 -28.58 -32.29
CA TYR A 107 -24.88 -29.04 -31.24
C TYR A 107 -24.55 -28.47 -29.85
N ILE A 108 -23.91 -27.30 -29.87
CA ILE A 108 -23.77 -26.46 -28.71
C ILE A 108 -24.43 -25.13 -29.01
N ARG A 109 -25.56 -24.88 -28.36
CA ARG A 109 -26.37 -23.75 -28.68
C ARG A 109 -25.57 -22.46 -28.56
N ASN A 110 -25.32 -21.81 -29.70
CA ASN A 110 -24.64 -20.51 -29.76
C ASN A 110 -25.63 -19.38 -29.56
N CYS A 111 -26.62 -19.64 -28.72
CA CYS A 111 -27.75 -18.76 -28.53
C CYS A 111 -28.13 -18.70 -27.04
N ILE A 112 -28.79 -17.61 -26.65
CA ILE A 112 -29.26 -17.47 -25.28
C ILE A 112 -30.65 -16.83 -25.18
N ILE A 113 -31.29 -17.02 -24.02
CA ILE A 113 -32.47 -16.25 -23.65
C ILE A 113 -31.95 -15.02 -22.91
N GLY A 114 -32.82 -14.33 -22.19
CA GLY A 114 -32.49 -13.08 -21.50
C GLY A 114 -31.14 -13.00 -20.81
N LYS A 115 -31.04 -13.69 -19.68
CA LYS A 115 -29.84 -13.57 -18.85
C LYS A 115 -28.75 -14.54 -19.32
N GLY A 116 -29.17 -15.72 -19.76
CA GLY A 116 -28.22 -16.70 -20.30
C GLY A 116 -27.41 -17.40 -19.22
N GLY A 117 -28.08 -17.93 -18.22
CA GLY A 117 -27.41 -18.64 -17.13
C GLY A 117 -26.93 -20.02 -17.53
N SER A 118 -27.55 -20.58 -18.56
CA SER A 118 -27.22 -21.92 -19.03
C SER A 118 -26.50 -21.92 -20.39
N TYR A 119 -25.73 -20.87 -20.67
CA TYR A 119 -24.86 -20.83 -21.85
C TYR A 119 -23.65 -21.75 -21.65
N LYS A 120 -23.19 -22.34 -22.75
CA LYS A 120 -22.04 -23.24 -22.68
C LYS A 120 -21.23 -23.25 -23.97
N GLY A 121 -21.36 -22.18 -24.75
CA GLY A 121 -20.62 -22.07 -26.00
C GLY A 121 -19.13 -21.91 -25.76
N THR A 122 -18.40 -21.68 -26.84
CA THR A 122 -16.94 -21.62 -26.80
C THR A 122 -16.43 -20.23 -27.14
N VAL A 123 -17.32 -19.25 -27.16
CA VAL A 123 -16.91 -17.88 -27.45
C VAL A 123 -15.96 -17.43 -26.32
N SER A 124 -14.90 -16.74 -26.71
CA SER A 124 -13.88 -16.30 -25.76
C SER A 124 -13.36 -14.91 -26.12
N ILE A 125 -14.25 -14.04 -26.59
CA ILE A 125 -13.89 -12.68 -26.95
C ILE A 125 -14.89 -11.68 -26.35
N THR A 126 -14.41 -10.49 -26.03
CA THR A 126 -15.25 -9.46 -25.48
C THR A 126 -15.85 -8.61 -26.57
N LYS A 127 -16.81 -7.76 -26.19
CA LYS A 127 -17.42 -6.79 -27.10
C LYS A 127 -16.36 -5.84 -27.66
N SER A 128 -15.38 -5.51 -26.83
CA SER A 128 -14.25 -4.69 -27.26
C SER A 128 -13.27 -5.51 -28.12
N GLY A 129 -13.44 -6.82 -28.11
CA GLY A 129 -12.61 -7.68 -28.93
C GLY A 129 -11.37 -8.15 -28.21
N ILE A 130 -11.43 -8.15 -26.88
CA ILE A 130 -10.29 -8.59 -26.09
C ILE A 130 -10.43 -10.08 -25.80
N LYS A 131 -9.30 -10.78 -25.84
CA LYS A 131 -9.26 -12.21 -25.53
C LYS A 131 -9.46 -12.44 -24.05
N CYS A 132 -10.39 -13.32 -23.71
CA CYS A 132 -10.70 -13.61 -22.31
C CYS A 132 -9.57 -14.32 -21.58
N GLN A 133 -9.45 -14.07 -20.27
CA GLN A 133 -8.46 -14.72 -19.45
C GLN A 133 -9.04 -16.01 -18.89
N PRO A 134 -8.27 -17.10 -18.96
CA PRO A 134 -8.64 -18.36 -18.33
C PRO A 134 -9.04 -18.23 -16.87
N TRP A 135 -10.12 -18.92 -16.51
CA TRP A 135 -10.65 -18.92 -15.14
C TRP A 135 -9.71 -19.61 -14.16
N SER A 136 -8.87 -20.50 -14.67
CA SER A 136 -7.85 -21.16 -13.86
C SER A 136 -6.72 -20.19 -13.46
N SER A 137 -6.48 -19.19 -14.32
CA SER A 137 -5.41 -18.22 -14.11
C SER A 137 -5.87 -17.09 -13.20
N MET A 138 -4.94 -16.62 -12.37
CA MET A 138 -5.13 -15.44 -11.54
C MET A 138 -4.37 -14.26 -12.14
N ILE A 139 -3.80 -14.48 -13.31
CA ILE A 139 -3.02 -13.47 -13.98
C ILE A 139 -3.66 -13.18 -15.32
N PRO A 140 -3.82 -11.89 -15.66
CA PRO A 140 -3.47 -10.74 -14.85
C PRO A 140 -4.36 -10.56 -13.62
N HIS A 141 -5.57 -11.10 -13.65
CA HIS A 141 -6.57 -10.73 -12.65
C HIS A 141 -6.89 -11.88 -11.73
N GLU A 142 -6.83 -11.61 -10.44
CA GLU A 142 -7.14 -12.59 -9.41
C GLU A 142 -8.60 -12.47 -9.00
N HIS A 143 -9.21 -13.60 -8.62
CA HIS A 143 -10.65 -13.66 -8.44
C HIS A 143 -11.07 -14.97 -7.74
N SER A 144 -12.29 -14.96 -7.20
CA SER A 144 -12.85 -16.14 -6.54
C SER A 144 -13.91 -16.78 -7.42
N PHE A 145 -13.47 -17.41 -8.51
CA PHE A 145 -14.38 -18.12 -9.42
C PHE A 145 -13.78 -19.47 -9.79
N LEU A 146 -13.38 -20.23 -8.78
CA LEU A 146 -12.91 -21.59 -8.99
C LEU A 146 -14.10 -22.49 -9.39
N PRO A 147 -13.85 -23.51 -10.24
CA PRO A 147 -14.88 -24.50 -10.58
C PRO A 147 -15.42 -25.26 -9.37
N SER A 148 -14.60 -25.44 -8.34
CA SER A 148 -15.07 -26.08 -7.11
C SER A 148 -16.15 -25.25 -6.41
N SER A 149 -16.06 -23.92 -6.55
CA SER A 149 -17.09 -23.03 -6.03
C SER A 149 -18.28 -22.94 -7.00
N TYR A 150 -18.12 -23.46 -8.22
CA TYR A 150 -19.13 -23.30 -9.29
C TYR A 150 -19.20 -24.51 -10.22
N ARG A 151 -20.04 -25.47 -9.85
CA ARG A 151 -20.19 -26.72 -10.61
C ARG A 151 -21.34 -26.66 -11.62
N GLY A 152 -21.08 -27.20 -12.81
CA GLY A 152 -22.10 -27.22 -13.85
C GLY A 152 -22.25 -25.91 -14.59
N LYS A 153 -21.71 -24.84 -14.02
CA LYS A 153 -21.71 -23.54 -14.68
C LYS A 153 -20.63 -23.51 -15.74
N ASP A 154 -19.77 -24.53 -15.74
CA ASP A 154 -18.76 -24.74 -16.78
C ASP A 154 -17.82 -23.54 -16.90
N LEU A 155 -16.86 -23.46 -15.96
CA LEU A 155 -15.86 -22.40 -15.99
C LEU A 155 -14.51 -22.99 -16.36
N GLN A 156 -14.30 -23.19 -17.65
CA GLN A 156 -13.06 -23.77 -18.14
C GLN A 156 -12.47 -22.85 -19.20
N GLU A 157 -11.17 -22.99 -19.43
CA GLU A 157 -10.47 -22.23 -20.47
C GLU A 157 -10.80 -20.76 -20.31
N ASN A 158 -11.07 -20.04 -21.40
CA ASN A 158 -11.52 -18.64 -21.32
C ASN A 158 -12.91 -18.42 -21.97
N TYR A 159 -13.82 -19.35 -21.69
CA TYR A 159 -15.16 -19.30 -22.29
C TYR A 159 -16.01 -18.23 -21.63
N CYS A 160 -16.70 -17.42 -22.43
CA CYS A 160 -17.60 -16.42 -21.88
C CYS A 160 -18.64 -17.13 -21.02
N ARG A 161 -19.01 -16.51 -19.90
CA ARG A 161 -19.92 -17.13 -18.92
C ARG A 161 -20.72 -16.09 -18.13
N ASN A 162 -21.84 -16.54 -17.57
CA ASN A 162 -22.67 -15.73 -16.66
C ASN A 162 -23.19 -16.58 -15.51
N PRO A 163 -22.29 -16.93 -14.57
CA PRO A 163 -22.55 -17.87 -13.46
C PRO A 163 -23.60 -17.42 -12.44
N ARG A 164 -23.88 -16.12 -12.39
CA ARG A 164 -24.81 -15.58 -11.40
C ARG A 164 -26.01 -14.87 -12.04
N GLY A 165 -26.28 -15.20 -13.30
CA GLY A 165 -27.41 -14.61 -14.00
C GLY A 165 -27.41 -13.08 -13.98
N GLU A 166 -26.24 -12.48 -14.19
CA GLU A 166 -26.15 -11.03 -14.23
C GLU A 166 -27.00 -10.49 -15.37
N GLU A 167 -27.49 -9.27 -15.20
CA GLU A 167 -28.29 -8.61 -16.21
C GLU A 167 -27.47 -8.27 -17.45
N GLY A 168 -26.16 -8.19 -17.29
CA GLY A 168 -25.26 -7.91 -18.41
C GLY A 168 -25.20 -9.03 -19.44
N GLY A 169 -25.44 -10.27 -18.97
CA GLY A 169 -25.29 -11.49 -19.79
C GLY A 169 -23.91 -12.06 -19.54
N PRO A 170 -23.45 -13.03 -20.39
CA PRO A 170 -22.10 -13.48 -20.11
C PRO A 170 -21.00 -12.49 -20.45
N TRP A 171 -20.01 -12.51 -19.56
CA TRP A 171 -18.81 -11.69 -19.61
C TRP A 171 -17.60 -12.58 -19.43
N CYS A 172 -16.42 -11.96 -19.55
CA CYS A 172 -15.16 -12.66 -19.25
C CYS A 172 -14.15 -11.72 -18.61
N PHE A 173 -13.15 -12.32 -17.95
CA PHE A 173 -11.99 -11.57 -17.52
C PHE A 173 -11.06 -11.36 -18.69
N THR A 174 -10.75 -10.12 -19.02
CA THR A 174 -9.92 -9.85 -20.19
C THR A 174 -8.49 -10.31 -19.92
N SER A 175 -7.72 -10.47 -20.99
CA SER A 175 -6.29 -10.75 -20.89
C SER A 175 -5.52 -9.44 -20.82
N ASN A 176 -6.25 -8.32 -20.94
CA ASN A 176 -5.68 -6.99 -20.77
C ASN A 176 -5.70 -6.59 -19.29
N PRO A 177 -4.50 -6.38 -18.70
CA PRO A 177 -4.36 -6.06 -17.27
C PRO A 177 -5.22 -4.89 -16.81
N GLU A 178 -5.33 -3.87 -17.66
CA GLU A 178 -6.08 -2.65 -17.33
C GLU A 178 -7.59 -2.85 -17.24
N VAL A 179 -8.13 -3.73 -18.08
CA VAL A 179 -9.55 -4.06 -18.03
C VAL A 179 -9.76 -5.38 -17.29
N ARG A 180 -10.40 -5.33 -16.14
CA ARG A 180 -10.57 -6.54 -15.36
C ARG A 180 -11.53 -7.49 -16.05
N TYR A 181 -12.76 -7.03 -16.25
CA TYR A 181 -13.80 -7.87 -16.83
C TYR A 181 -14.69 -7.07 -17.80
N GLU A 182 -15.10 -7.72 -18.89
CA GLU A 182 -15.98 -7.10 -19.89
C GLU A 182 -17.02 -8.09 -20.41
N VAL A 183 -18.15 -7.53 -20.79
CA VAL A 183 -19.28 -8.31 -21.28
C VAL A 183 -19.00 -8.77 -22.70
N CYS A 184 -19.04 -10.08 -22.90
CA CYS A 184 -18.91 -10.65 -24.23
C CYS A 184 -20.19 -10.38 -25.02
N ASP A 185 -20.05 -10.04 -26.31
CA ASP A 185 -21.20 -9.79 -27.19
C ASP A 185 -21.79 -11.07 -27.77
N ILE A 186 -22.93 -11.48 -27.23
CA ILE A 186 -23.56 -12.73 -27.63
C ILE A 186 -25.01 -12.47 -28.06
N PRO A 187 -25.38 -12.89 -29.29
CA PRO A 187 -26.75 -12.75 -29.79
C PRO A 187 -27.71 -13.74 -29.11
N GLN A 188 -28.89 -13.23 -28.77
CA GLN A 188 -29.97 -14.08 -28.30
C GLN A 188 -30.65 -14.70 -29.51
N CYS A 189 -31.43 -15.75 -29.26
CA CYS A 189 -32.15 -16.44 -30.34
C CYS A 189 -33.19 -15.53 -30.92
N SER A 190 -33.91 -14.85 -30.03
CA SER A 190 -34.99 -13.96 -30.43
C SER A 190 -34.51 -12.88 -31.42
N GLU A 191 -33.22 -12.58 -31.38
CA GLU A 191 -32.67 -11.55 -32.25
C GLU A 191 -32.64 -12.06 -33.70
N GLN B 1 -11.07 8.38 -11.15
CA GLN B 1 -10.62 8.69 -9.77
C GLN B 1 -11.15 7.67 -8.78
N GLN B 2 -10.71 6.44 -8.98
CA GLN B 2 -11.04 5.33 -8.07
C GLN B 2 -10.28 5.42 -6.73
N GLN B 3 -11.04 5.50 -5.64
CA GLN B 3 -10.48 5.72 -4.30
C GLN B 3 -10.86 4.67 -3.27
N LEU B 4 -10.06 4.56 -2.24
CA LEU B 4 -10.43 3.80 -1.05
C LEU B 4 -10.19 4.73 0.11
N VAL B 5 -11.17 4.83 1.00
CA VAL B 5 -11.06 5.68 2.19
C VAL B 5 -11.43 4.94 3.47
N GLU B 6 -10.49 4.93 4.42
CA GLU B 6 -10.70 4.27 5.72
C GLU B 6 -11.18 5.27 6.76
N SER B 7 -11.97 4.77 7.70
CA SER B 7 -12.42 5.56 8.84
C SER B 7 -12.63 4.65 10.05
N GLY B 8 -12.66 5.25 11.23
CA GLY B 8 -12.85 4.48 12.46
C GLY B 8 -11.65 4.44 13.38
N GLY B 9 -10.51 4.81 12.85
CA GLY B 9 -9.28 4.79 13.61
C GLY B 9 -9.30 5.78 14.73
N ARG B 10 -9.14 5.27 15.94
CA ARG B 10 -9.08 6.11 17.12
C ARG B 10 -8.25 5.45 18.25
N LEU B 11 -8.32 6.03 19.45
CA LEU B 11 -7.66 5.51 20.62
C LEU B 11 -8.61 4.55 21.34
N VAL B 12 -8.16 3.34 21.59
CA VAL B 12 -8.99 2.34 22.30
C VAL B 12 -8.29 1.78 23.53
N ASN B 13 -9.06 1.40 24.53
CA ASN B 13 -8.50 0.66 25.69
C ASN B 13 -8.24 -0.80 25.32
N PRO B 14 -7.21 -1.38 25.90
CA PRO B 14 -6.93 -2.81 25.68
C PRO B 14 -8.07 -3.70 26.13
N GLY B 15 -8.42 -4.69 25.32
CA GLY B 15 -9.50 -5.60 25.63
C GLY B 15 -10.79 -5.14 25.05
N GLU B 16 -10.86 -3.88 24.63
CA GLU B 16 -12.08 -3.38 23.97
C GLU B 16 -12.16 -3.76 22.49
N SER B 17 -13.22 -3.33 21.84
CA SER B 17 -13.47 -3.65 20.42
C SER B 17 -13.67 -2.37 19.56
N LEU B 18 -13.40 -2.48 18.26
CA LEU B 18 -13.49 -1.34 17.36
C LEU B 18 -13.82 -1.75 15.94
N THR B 19 -14.53 -0.86 15.23
CA THR B 19 -14.92 -1.13 13.85
C THR B 19 -14.43 -0.09 12.83
N LEU B 20 -13.60 -0.52 11.90
CA LEU B 20 -13.08 0.35 10.90
C LEU B 20 -13.89 0.14 9.65
N THR B 21 -14.06 1.20 8.86
CA THR B 21 -14.81 1.10 7.61
C THR B 21 -14.05 1.60 6.42
N CYS B 22 -14.08 0.86 5.33
CA CYS B 22 -13.48 1.33 4.08
C CYS B 22 -14.57 1.53 3.10
N LYS B 23 -14.61 2.72 2.50
CA LYS B 23 -15.53 2.99 1.43
C LYS B 23 -14.82 3.26 0.13
N ALA B 24 -15.28 2.62 -0.94
CA ALA B 24 -14.71 2.84 -2.28
C ALA B 24 -15.51 3.79 -3.13
N SER B 25 -14.81 4.60 -3.90
CA SER B 25 -15.42 5.56 -4.81
C SER B 25 -14.92 5.26 -6.23
N GLY B 26 -15.70 5.66 -7.23
CA GLY B 26 -15.29 5.63 -8.63
C GLY B 26 -15.01 4.27 -9.26
N PHE B 27 -15.52 3.18 -8.68
CA PHE B 27 -15.42 1.88 -9.35
C PHE B 27 -16.36 0.81 -8.78
N THR B 28 -16.59 -0.21 -9.60
CA THR B 28 -17.47 -1.33 -9.27
C THR B 28 -16.79 -2.22 -8.23
N PHE B 29 -17.54 -2.92 -7.41
CA PHE B 29 -16.92 -3.54 -6.23
C PHE B 29 -15.83 -4.59 -6.49
N SER B 30 -16.07 -5.68 -7.21
CA SER B 30 -17.37 -6.10 -7.70
C SER B 30 -17.69 -7.61 -7.48
N THR B 31 -16.88 -8.63 -7.80
CA THR B 31 -15.68 -8.75 -8.68
C THR B 31 -14.27 -8.54 -8.11
N TYR B 32 -14.12 -8.15 -6.85
CA TYR B 32 -12.74 -7.94 -6.31
C TYR B 32 -12.52 -8.62 -4.97
N TYR B 33 -11.24 -8.75 -4.64
CA TYR B 33 -10.83 -9.12 -3.28
C TYR B 33 -10.66 -7.83 -2.48
N MET B 34 -11.13 -7.82 -1.25
CA MET B 34 -10.84 -6.72 -0.35
C MET B 34 -10.06 -7.23 0.83
N SER B 35 -8.80 -6.80 0.92
CA SER B 35 -7.93 -7.18 2.01
C SER B 35 -7.68 -5.99 2.95
N TRP B 36 -7.40 -6.31 4.21
CA TRP B 36 -6.89 -5.33 5.20
C TRP B 36 -5.44 -5.65 5.52
N VAL B 37 -4.62 -4.61 5.50
CA VAL B 37 -3.20 -4.75 5.74
C VAL B 37 -2.80 -3.68 6.75
N ARG B 38 -2.23 -4.09 7.87
CA ARG B 38 -1.80 -3.15 8.89
C ARG B 38 -0.31 -3.00 8.94
N GLN B 39 0.15 -1.98 9.67
CA GLN B 39 1.55 -1.65 9.77
C GLN B 39 1.80 -0.94 11.07
N ALA B 40 2.42 -1.66 11.99
CA ALA B 40 2.79 -1.10 13.28
C ALA B 40 3.85 -0.04 13.11
N PRO B 41 3.89 0.94 13.99
CA PRO B 41 4.87 2.04 13.91
C PRO B 41 6.31 1.59 13.73
N GLY B 42 6.87 1.92 12.57
CA GLY B 42 8.31 1.64 12.31
C GLY B 42 8.57 0.21 11.88
N LYS B 43 7.52 -0.58 11.72
CA LYS B 43 7.65 -1.98 11.33
C LYS B 43 7.18 -2.18 9.91
N GLY B 44 7.16 -3.44 9.50
CA GLY B 44 6.80 -3.80 8.13
C GLY B 44 5.31 -4.03 7.97
N LEU B 45 4.90 -4.38 6.78
CA LEU B 45 3.50 -4.63 6.49
C LEU B 45 3.09 -6.03 6.98
N GLU B 46 1.84 -6.14 7.43
CA GLU B 46 1.27 -7.41 7.83
C GLU B 46 -0.13 -7.56 7.25
N TRP B 47 -0.30 -8.45 6.29
CA TRP B 47 -1.62 -8.78 5.82
C TRP B 47 -2.31 -9.54 6.93
N ILE B 48 -3.62 -9.31 7.08
CA ILE B 48 -4.40 -9.86 8.20
C ILE B 48 -5.72 -10.52 7.81
N GLY B 49 -6.30 -10.12 6.69
CA GLY B 49 -7.52 -10.76 6.24
C GLY B 49 -7.98 -10.27 4.88
N TYR B 50 -8.85 -11.05 4.25
CA TYR B 50 -9.55 -10.62 3.05
C TYR B 50 -10.99 -11.09 2.98
N ILE B 51 -11.77 -10.42 2.15
CA ILE B 51 -13.08 -10.95 1.79
C ILE B 51 -13.32 -10.80 0.28
N GLY B 52 -13.93 -11.81 -0.32
CA GLY B 52 -14.43 -11.71 -1.69
C GLY B 52 -15.83 -11.14 -1.70
N THR B 53 -15.99 -9.97 -2.31
CA THR B 53 -17.26 -9.27 -2.28
C THR B 53 -18.35 -10.17 -2.80
N SER B 54 -18.10 -10.79 -3.95
CA SER B 54 -19.08 -11.68 -4.59
C SER B 54 -19.28 -12.99 -3.81
N SER B 55 -18.19 -13.64 -3.45
CA SER B 55 -18.26 -14.90 -2.70
C SER B 55 -18.83 -14.72 -1.32
N GLY B 56 -18.38 -13.68 -0.63
CA GLY B 56 -18.71 -13.50 0.80
C GLY B 56 -17.73 -14.27 1.69
N THR B 57 -16.76 -14.94 1.04
CA THR B 57 -15.80 -15.81 1.72
C THR B 57 -14.72 -14.95 2.41
N THR B 58 -14.38 -15.33 3.63
CA THR B 58 -13.37 -14.59 4.38
C THR B 58 -12.21 -15.49 4.79
N TYR B 59 -11.00 -14.90 4.83
CA TYR B 59 -9.80 -15.58 5.35
C TYR B 59 -9.00 -14.62 6.22
N TYR B 60 -8.63 -15.07 7.41
CA TYR B 60 -7.91 -14.27 8.40
C TYR B 60 -6.54 -14.83 8.76
N ALA B 61 -5.61 -13.95 9.11
CA ALA B 61 -4.27 -14.39 9.50
C ALA B 61 -4.28 -14.89 10.93
N ASN B 62 -3.37 -15.78 11.25
CA ASN B 62 -3.28 -16.37 12.59
C ASN B 62 -3.14 -15.38 13.73
N SER B 63 -2.50 -14.25 13.44
CA SER B 63 -2.27 -13.20 14.43
C SER B 63 -3.54 -12.47 14.81
N VAL B 64 -4.63 -12.83 14.13
CA VAL B 64 -5.85 -12.04 14.13
C VAL B 64 -7.12 -12.92 14.16
N LYS B 65 -7.01 -14.10 13.55
CA LYS B 65 -8.14 -14.98 13.25
C LYS B 65 -9.20 -15.11 14.33
N GLY B 66 -8.78 -15.34 15.56
CA GLY B 66 -9.76 -15.53 16.63
C GLY B 66 -10.70 -14.36 16.88
N ARG B 67 -10.22 -13.14 16.64
CA ARG B 67 -10.88 -11.95 17.18
C ARG B 67 -11.31 -10.93 16.16
N PHE B 68 -10.80 -10.99 14.94
CA PHE B 68 -11.21 -10.04 13.90
C PHE B 68 -12.10 -10.72 12.86
N THR B 69 -13.01 -9.95 12.27
CA THR B 69 -13.92 -10.47 11.25
C THR B 69 -14.23 -9.40 10.23
N ILE B 70 -14.45 -9.81 8.99
CA ILE B 70 -14.60 -8.85 7.88
C ILE B 70 -15.94 -9.05 7.23
N SER B 71 -16.68 -7.95 7.03
CA SER B 71 -17.98 -8.00 6.37
C SER B 71 -18.05 -6.94 5.26
N SER B 72 -19.12 -6.98 4.48
CA SER B 72 -19.28 -6.02 3.39
C SER B 72 -20.73 -5.63 3.15
N ASP B 73 -20.87 -4.48 2.52
CA ASP B 73 -22.13 -3.97 2.00
C ASP B 73 -21.88 -3.54 0.56
N ASN B 74 -22.09 -4.47 -0.36
CA ASN B 74 -21.77 -4.24 -1.79
C ASN B 74 -22.55 -3.10 -2.38
N ALA B 75 -23.79 -2.95 -1.95
CA ALA B 75 -24.67 -1.90 -2.43
C ALA B 75 -24.07 -0.54 -2.11
N GLN B 76 -23.35 -0.46 -1.00
CA GLN B 76 -22.77 0.79 -0.52
C GLN B 76 -21.26 0.84 -0.74
N ASN B 77 -20.74 -0.19 -1.42
CA ASN B 77 -19.30 -0.28 -1.68
C ASN B 77 -18.50 -0.09 -0.42
N THR B 78 -18.83 -0.87 0.63
CA THR B 78 -18.20 -0.71 1.91
C THR B 78 -17.77 -2.03 2.56
N VAL B 79 -16.62 -2.00 3.21
CA VAL B 79 -16.10 -3.17 3.91
C VAL B 79 -15.86 -2.82 5.38
N PHE B 80 -16.19 -3.75 6.27
CA PHE B 80 -16.09 -3.48 7.68
C PHE B 80 -15.10 -4.42 8.31
N LEU B 81 -14.09 -3.85 8.96
CA LEU B 81 -13.19 -4.64 9.76
C LEU B 81 -13.66 -4.54 11.18
N GLN B 82 -14.08 -5.66 11.74
CA GLN B 82 -14.64 -5.65 13.10
C GLN B 82 -13.71 -6.32 14.07
N MET B 83 -13.06 -5.52 14.90
CA MET B 83 -12.00 -6.01 15.78
C MET B 83 -12.48 -6.19 17.22
N THR B 84 -11.98 -7.23 17.88
CA THR B 84 -12.30 -7.49 19.29
C THR B 84 -11.06 -7.87 20.09
N SER B 85 -11.18 -7.81 21.41
CA SER B 85 -10.11 -8.23 22.31
C SER B 85 -8.77 -7.62 21.89
N LEU B 86 -8.79 -6.31 21.64
CA LEU B 86 -7.61 -5.58 21.20
C LEU B 86 -6.49 -5.59 22.24
N THR B 87 -5.27 -5.85 21.78
CA THR B 87 -4.09 -5.83 22.66
C THR B 87 -3.15 -4.77 22.14
N ASP B 88 -2.08 -4.51 22.87
CA ASP B 88 -1.12 -3.48 22.46
C ASP B 88 -0.47 -3.81 21.09
N SER B 89 -0.39 -5.09 20.76
CA SER B 89 0.29 -5.52 19.54
C SER B 89 -0.52 -5.17 18.31
N ASP B 90 -1.75 -4.70 18.52
CA ASP B 90 -2.65 -4.38 17.43
C ASP B 90 -2.52 -2.92 16.96
N THR B 91 -1.80 -2.12 17.75
CA THR B 91 -1.56 -0.76 17.43
C THR B 91 -0.82 -0.65 16.12
N ALA B 92 -1.46 -0.01 15.13
CA ALA B 92 -0.94 0.08 13.79
C ALA B 92 -1.78 1.01 12.91
N THR B 93 -1.26 1.33 11.73
CA THR B 93 -2.13 1.97 10.69
C THR B 93 -2.75 0.91 9.84
N TYR B 94 -4.07 0.95 9.70
CA TYR B 94 -4.79 -0.06 8.97
C TYR B 94 -5.16 0.43 7.57
N PHE B 95 -4.80 -0.38 6.57
CA PHE B 95 -5.06 -0.10 5.17
C PHE B 95 -6.16 -0.95 4.60
N CYS B 96 -7.15 -0.30 4.00
CA CYS B 96 -8.08 -1.01 3.13
C CYS B 96 -7.43 -1.10 1.78
N ALA B 97 -7.40 -2.31 1.24
CA ALA B 97 -6.71 -2.56 -0.02
C ALA B 97 -7.53 -3.40 -0.98
N ARG B 98 -7.42 -3.06 -2.28
CA ARG B 98 -8.12 -3.80 -3.36
C ARG B 98 -7.24 -4.88 -3.96
N GLY B 99 -7.58 -6.13 -3.69
CA GLY B 99 -6.81 -7.29 -4.17
C GLY B 99 -6.32 -8.19 -3.06
N LEU B 100 -5.70 -9.29 -3.45
CA LEU B 100 -5.16 -10.28 -2.51
C LEU B 100 -3.68 -10.51 -2.81
N GLY B 101 -3.37 -10.98 -4.02
CA GLY B 101 -1.99 -11.04 -4.55
C GLY B 101 -1.57 -9.78 -5.34
N ARG B 102 -2.52 -9.13 -5.99
CA ARG B 102 -2.22 -7.93 -6.80
C ARG B 102 -3.02 -6.76 -6.26
N ILE B 103 -2.32 -5.79 -5.65
CA ILE B 103 -2.97 -4.72 -4.93
C ILE B 103 -2.75 -3.41 -5.68
N ASN B 104 -3.58 -3.15 -6.66
CA ASN B 104 -3.47 -1.94 -7.47
C ASN B 104 -3.92 -0.71 -6.73
N LEU B 105 -4.80 -0.90 -5.74
CA LEU B 105 -5.42 0.23 -5.05
C LEU B 105 -5.25 0.16 -3.52
N TRP B 106 -4.78 1.28 -2.94
CA TRP B 106 -4.62 1.38 -1.49
C TRP B 106 -5.27 2.63 -0.92
N GLY B 107 -5.75 2.52 0.31
CA GLY B 107 -6.22 3.70 1.03
C GLY B 107 -5.02 4.33 1.70
N PRO B 108 -5.14 5.59 2.15
CA PRO B 108 -4.06 6.23 2.82
C PRO B 108 -3.85 5.63 4.23
N GLY B 109 -4.88 5.00 4.76
CA GLY B 109 -4.78 4.27 6.05
C GLY B 109 -5.40 5.04 7.21
N THR B 110 -5.91 4.28 8.21
CA THR B 110 -6.41 4.91 9.43
C THR B 110 -5.68 4.35 10.68
N LEU B 111 -5.24 5.24 11.57
CA LEU B 111 -4.34 4.84 12.66
C LEU B 111 -5.08 4.39 13.90
N VAL B 112 -4.90 3.11 14.24
CA VAL B 112 -5.46 2.57 15.50
C VAL B 112 -4.41 2.47 16.63
N THR B 113 -4.72 3.05 17.77
CA THR B 113 -3.80 3.06 18.92
C THR B 113 -4.45 2.36 20.13
N VAL B 114 -3.92 1.22 20.52
CA VAL B 114 -4.44 0.46 21.67
C VAL B 114 -3.65 0.83 22.93
N SER B 115 -4.26 1.63 23.78
CA SER B 115 -3.56 2.20 24.93
C SER B 115 -4.53 2.49 26.06
N SER B 116 -4.00 2.64 27.28
CA SER B 116 -4.83 3.11 28.42
C SER B 116 -4.74 4.62 28.63
N ALA B 117 -3.81 5.26 27.94
CA ALA B 117 -3.64 6.71 27.99
C ALA B 117 -4.84 7.48 27.43
N SER B 118 -4.97 8.71 27.87
CA SER B 118 -6.09 9.56 27.44
C SER B 118 -5.74 10.45 26.22
N THR B 119 -6.74 10.76 25.40
CA THR B 119 -6.53 11.69 24.28
C THR B 119 -6.15 13.10 24.78
N LYS B 120 -5.03 13.60 24.33
CA LYS B 120 -4.63 15.01 24.64
C LYS B 120 -4.39 15.82 23.31
N GLY B 121 -4.90 17.02 23.31
CA GLY B 121 -4.73 17.91 22.17
C GLY B 121 -3.40 18.58 22.25
N PRO B 122 -2.82 18.91 21.07
CA PRO B 122 -1.49 19.54 20.95
C PRO B 122 -1.48 21.02 21.24
N SER B 123 -0.36 21.52 21.73
CA SER B 123 -0.16 22.96 21.89
C SER B 123 0.81 23.38 20.83
N VAL B 124 0.46 24.44 20.10
CA VAL B 124 1.29 24.92 18.98
C VAL B 124 2.10 26.17 19.34
N PHE B 125 3.43 26.05 19.27
CA PHE B 125 4.32 27.16 19.58
C PHE B 125 5.15 27.52 18.35
N PRO B 126 5.29 28.84 18.07
CA PRO B 126 6.02 29.28 16.90
C PRO B 126 7.49 29.14 17.09
N LEU B 127 8.18 28.54 16.12
CA LEU B 127 9.64 28.54 16.07
C LEU B 127 10.13 29.72 15.24
N ALA B 128 10.60 30.76 15.95
CA ALA B 128 10.93 32.06 15.35
C ALA B 128 12.38 32.13 14.91
N PRO B 129 12.63 32.73 13.73
CA PRO B 129 13.96 32.81 13.14
C PRO B 129 14.81 33.84 13.85
N CYS B 130 16.09 33.89 13.49
CA CYS B 130 17.06 34.80 14.12
C CYS B 130 17.96 35.49 13.10
N SER B 137 19.73 35.89 4.63
CA SER B 137 19.48 35.40 3.27
C SER B 137 18.31 34.41 3.28
N THR B 138 18.64 33.11 3.23
CA THR B 138 17.70 32.05 3.58
C THR B 138 17.67 31.84 5.12
N ALA B 139 16.46 31.69 5.63
CA ALA B 139 16.27 31.50 7.04
C ALA B 139 15.20 30.43 7.30
N ALA B 140 15.38 29.68 8.38
CA ALA B 140 14.42 28.64 8.76
C ALA B 140 13.50 29.13 9.84
N LEU B 141 12.24 28.75 9.75
CA LEU B 141 11.27 29.00 10.79
C LEU B 141 10.39 27.77 10.94
N GLY B 142 9.61 27.70 12.01
CA GLY B 142 8.80 26.51 12.18
C GLY B 142 7.59 26.63 13.02
N CYS B 143 6.86 25.51 13.09
CA CYS B 143 5.85 25.33 14.12
C CYS B 143 6.18 24.12 14.94
N LEU B 144 5.95 24.28 16.22
CA LEU B 144 6.19 23.20 17.17
C LEU B 144 4.89 22.64 17.74
N VAL B 145 4.59 21.39 17.39
CA VAL B 145 3.37 20.72 17.83
C VAL B 145 3.67 19.80 19.02
N LYS B 146 3.36 20.28 20.21
CA LYS B 146 3.84 19.65 21.43
C LYS B 146 2.73 19.05 22.31
N ASP B 147 3.04 17.90 22.90
CA ASP B 147 2.24 17.27 23.99
C ASP B 147 0.91 16.89 23.56
N TYR B 148 0.83 16.04 22.52
CA TYR B 148 -0.48 15.54 22.06
C TYR B 148 -0.50 14.03 22.08
N PHE B 149 -1.68 13.47 22.09
CA PHE B 149 -1.80 12.00 22.07
C PHE B 149 -3.22 11.66 21.73
N PRO B 150 -3.42 10.62 20.90
CA PRO B 150 -2.37 9.89 20.24
C PRO B 150 -1.98 10.45 18.85
N GLU B 151 -1.22 9.66 18.12
CA GLU B 151 -0.84 9.98 16.77
C GLU B 151 -2.08 9.89 15.94
N PRO B 152 -2.10 10.53 14.74
CA PRO B 152 -1.08 11.35 14.19
C PRO B 152 -1.45 12.81 14.02
N VAL B 153 -0.46 13.64 13.70
CA VAL B 153 -0.65 15.06 13.46
C VAL B 153 -0.17 15.46 12.05
N THR B 154 -1.02 16.11 11.28
CA THR B 154 -0.62 16.56 9.94
C THR B 154 -0.34 18.07 10.01
N VAL B 155 0.77 18.48 9.43
CA VAL B 155 1.08 19.90 9.30
C VAL B 155 1.22 20.35 7.82
N SER B 156 0.63 21.46 7.47
CA SER B 156 0.85 22.09 6.15
C SER B 156 1.19 23.57 6.38
N TRP B 157 1.64 24.24 5.33
CA TRP B 157 1.97 25.66 5.41
C TRP B 157 1.16 26.47 4.38
N ASN B 158 0.63 27.59 4.84
CA ASN B 158 -0.26 28.42 4.00
C ASN B 158 -1.28 27.58 3.22
N SER B 159 -1.87 26.63 3.93
CA SER B 159 -2.96 25.77 3.45
C SER B 159 -2.55 24.93 2.27
N GLY B 160 -1.29 24.52 2.25
CA GLY B 160 -0.81 23.71 1.12
C GLY B 160 -0.16 24.50 -0.01
N ALA B 161 -0.21 25.83 0.05
CA ALA B 161 0.44 26.70 -0.94
C ALA B 161 1.93 26.55 -0.88
N LEU B 162 2.45 26.40 0.35
CA LEU B 162 3.89 26.27 0.60
C LEU B 162 4.34 24.83 0.91
N THR B 163 4.95 24.19 -0.08
CA THR B 163 5.41 22.81 0.09
C THR B 163 6.91 22.74 -0.06
N SER B 164 7.45 23.65 -0.87
CA SER B 164 8.85 23.60 -1.24
C SER B 164 9.75 23.83 -0.01
N GLY B 165 10.72 22.95 0.19
CA GLY B 165 11.69 23.08 1.28
C GLY B 165 11.07 22.94 2.67
N VAL B 166 9.98 22.18 2.81
CA VAL B 166 9.30 21.99 4.06
C VAL B 166 9.66 20.62 4.66
N HIS B 167 10.12 20.63 5.93
CA HIS B 167 10.45 19.37 6.62
C HIS B 167 9.59 19.16 7.88
N THR B 168 8.54 18.36 7.76
CA THR B 168 7.75 17.97 8.95
C THR B 168 8.28 16.71 9.59
N PHE B 169 8.98 16.87 10.70
CA PHE B 169 9.69 15.70 11.34
C PHE B 169 8.79 14.58 11.88
N PRO B 170 9.23 13.36 11.77
CA PRO B 170 8.50 12.24 12.49
C PRO B 170 8.41 12.54 14.01
N ALA B 171 7.24 12.40 14.56
CA ALA B 171 7.05 12.67 15.99
C ALA B 171 7.86 11.67 16.87
N VAL B 172 8.28 12.14 18.02
CA VAL B 172 8.92 11.28 19.01
C VAL B 172 8.10 11.25 20.29
N LEU B 173 7.97 10.05 20.88
CA LEU B 173 7.27 9.88 22.18
C LEU B 173 8.14 10.46 23.26
N GLN B 174 7.66 11.50 23.93
CA GLN B 174 8.38 12.12 25.05
C GLN B 174 8.33 11.26 26.31
N SER B 175 9.09 11.64 27.31
CA SER B 175 9.08 10.92 28.58
C SER B 175 7.72 11.00 29.25
N SER B 176 7.07 12.14 29.04
CA SER B 176 5.72 12.41 29.61
C SER B 176 4.66 11.48 29.08
N GLY B 177 4.98 10.72 28.05
CA GLY B 177 3.99 9.83 27.44
C GLY B 177 3.26 10.48 26.28
N LEU B 178 3.58 11.75 26.02
CA LEU B 178 2.94 12.55 24.95
C LEU B 178 3.86 12.73 23.77
N TYR B 179 3.28 12.63 22.57
CA TYR B 179 4.04 12.88 21.32
C TYR B 179 4.38 14.39 21.11
N SER B 180 5.51 14.62 20.49
CA SER B 180 5.94 15.98 20.10
C SER B 180 6.58 15.94 18.71
N LEU B 181 6.41 17.02 17.95
CA LEU B 181 6.77 17.03 16.51
C LEU B 181 7.09 18.46 16.14
N SER B 182 7.98 18.59 15.18
CA SER B 182 8.31 19.93 14.58
C SER B 182 8.15 19.96 13.06
N SER B 183 7.53 21.01 12.57
CA SER B 183 7.56 21.29 11.10
C SER B 183 8.35 22.59 10.81
N VAL B 184 9.31 22.50 9.91
CA VAL B 184 10.12 23.66 9.57
C VAL B 184 10.12 23.93 8.07
N VAL B 185 10.53 25.16 7.73
CA VAL B 185 10.56 25.62 6.34
C VAL B 185 11.63 26.68 6.11
N THR B 186 12.39 26.55 5.03
CA THR B 186 13.36 27.59 4.68
C THR B 186 12.71 28.59 3.75
N VAL B 187 12.87 29.86 4.08
CA VAL B 187 12.31 30.96 3.31
C VAL B 187 13.30 32.12 3.30
N PRO B 188 13.16 33.04 2.32
CA PRO B 188 14.07 34.19 2.31
C PRO B 188 13.87 35.11 3.53
N SER B 189 14.97 35.59 4.11
CA SER B 189 14.91 36.52 5.24
C SER B 189 14.14 37.81 4.87
N SER B 190 14.44 38.34 3.70
CA SER B 190 13.75 39.54 3.22
C SER B 190 12.22 39.43 3.29
N SER B 191 11.70 38.23 3.05
CA SER B 191 10.25 38.00 3.05
C SER B 191 9.65 37.84 4.46
N LEU B 192 10.49 37.97 5.49
CA LEU B 192 10.01 37.88 6.87
C LEU B 192 9.01 38.98 7.19
N GLY B 193 9.30 40.21 6.75
CA GLY B 193 8.41 41.32 7.00
C GLY B 193 7.15 41.33 6.13
N THR B 194 7.25 40.79 4.91
CA THR B 194 6.19 40.94 3.88
C THR B 194 5.22 39.76 3.76
N LYS B 195 5.74 38.58 3.39
CA LYS B 195 4.89 37.40 3.19
C LYS B 195 4.49 36.79 4.54
N THR B 196 3.28 36.23 4.58
CA THR B 196 2.71 35.70 5.80
C THR B 196 2.80 34.18 5.88
N TYR B 197 3.49 33.71 6.93
CA TYR B 197 3.69 32.28 7.14
C TYR B 197 2.87 31.73 8.30
N THR B 198 2.00 30.76 8.01
CA THR B 198 1.19 30.11 9.06
C THR B 198 1.29 28.59 9.06
N CYS B 199 1.44 28.02 10.26
CA CYS B 199 1.32 26.58 10.44
C CYS B 199 -0.09 26.17 10.46
N ASN B 200 -0.40 25.20 9.63
CA ASN B 200 -1.72 24.57 9.68
C ASN B 200 -1.63 23.17 10.29
N VAL B 201 -1.94 23.09 11.58
CA VAL B 201 -1.84 21.85 12.40
C VAL B 201 -3.18 21.17 12.54
N ASP B 202 -3.22 19.90 12.24
CA ASP B 202 -4.44 19.11 12.35
C ASP B 202 -4.19 17.83 13.17
N HIS B 203 -4.91 17.71 14.28
CA HIS B 203 -4.87 16.49 15.12
C HIS B 203 -6.22 15.85 15.14
N LYS B 204 -6.42 14.91 14.25
CA LYS B 204 -7.73 14.28 14.09
C LYS B 204 -8.25 13.56 15.32
N PRO B 205 -7.38 12.88 16.07
CA PRO B 205 -7.91 12.14 17.20
C PRO B 205 -8.57 13.02 18.22
N SER B 206 -8.07 14.23 18.38
CA SER B 206 -8.70 15.24 19.22
C SER B 206 -9.69 16.17 18.51
N ASN B 207 -9.82 16.00 17.19
CA ASN B 207 -10.55 16.94 16.36
C ASN B 207 -10.04 18.38 16.54
N THR B 208 -8.74 18.52 16.69
CA THR B 208 -8.15 19.81 16.92
C THR B 208 -7.58 20.32 15.60
N LYS B 209 -7.88 21.58 15.31
CA LYS B 209 -7.30 22.28 14.15
C LYS B 209 -6.79 23.63 14.60
N VAL B 210 -5.54 23.90 14.31
CA VAL B 210 -4.96 25.15 14.74
C VAL B 210 -4.23 25.76 13.57
N ASP B 211 -4.35 27.08 13.41
CA ASP B 211 -3.52 27.86 12.46
C ASP B 211 -2.73 28.82 13.28
N LYS B 212 -1.43 28.89 13.04
CA LYS B 212 -0.58 29.78 13.84
C LYS B 212 0.38 30.52 12.93
N ARG B 213 0.25 31.86 12.88
CA ARG B 213 1.15 32.69 12.08
C ARG B 213 2.49 32.86 12.80
N VAL B 214 3.51 32.19 12.30
CA VAL B 214 4.86 32.30 12.86
C VAL B 214 5.40 33.67 12.49
N GLU B 215 6.05 34.32 13.45
CA GLU B 215 6.54 35.70 13.30
C GLU B 215 7.92 35.85 13.94
N SER B 216 8.76 36.66 13.32
CA SER B 216 10.11 36.90 13.84
C SER B 216 10.12 37.84 15.07
N GLU C 1 3.42 -21.41 8.78
CA GLU C 1 2.50 -21.26 7.60
C GLU C 1 3.25 -21.19 6.27
N LEU C 2 3.44 -19.97 5.80
CA LEU C 2 4.28 -19.67 4.67
C LEU C 2 5.25 -18.58 5.09
N ASP C 3 6.54 -18.82 4.90
CA ASP C 3 7.55 -17.82 5.28
C ASP C 3 8.19 -17.21 4.02
N LEU C 4 8.07 -15.90 3.89
CA LEU C 4 8.81 -15.14 2.91
C LEU C 4 10.02 -14.44 3.53
N THR C 5 11.19 -14.99 3.27
CA THR C 5 12.45 -14.43 3.77
C THR C 5 13.01 -13.47 2.72
N GLN C 6 13.11 -12.21 3.11
CA GLN C 6 13.54 -11.18 2.19
C GLN C 6 14.87 -10.66 2.65
N THR C 7 15.86 -10.72 1.77
CA THR C 7 17.23 -10.28 2.08
C THR C 7 17.80 -9.42 0.93
N PRO C 8 18.67 -8.45 1.26
CA PRO C 8 19.12 -8.08 2.60
C PRO C 8 18.17 -7.09 3.32
N SER C 9 18.59 -6.64 4.50
CA SER C 9 17.84 -5.63 5.22
C SER C 9 17.86 -4.28 4.47
N SER C 10 19.02 -3.90 3.96
CA SER C 10 19.18 -2.63 3.28
C SER C 10 20.28 -2.64 2.24
N VAL C 11 20.07 -1.89 1.17
CA VAL C 11 21.02 -1.77 0.09
C VAL C 11 21.15 -0.32 -0.31
N SER C 12 22.34 0.06 -0.76
CA SER C 12 22.59 1.43 -1.15
C SER C 12 23.16 1.51 -2.57
N ALA C 13 22.94 2.64 -3.22
CA ALA C 13 23.51 2.90 -4.55
C ALA C 13 23.45 4.38 -4.90
N ALA C 14 24.20 4.79 -5.90
CA ALA C 14 24.11 6.17 -6.38
C ALA C 14 23.20 6.16 -7.58
N VAL C 15 22.85 7.35 -8.05
CA VAL C 15 21.98 7.52 -9.22
C VAL C 15 22.55 6.72 -10.40
N GLY C 16 21.67 6.10 -11.19
CA GLY C 16 22.11 5.29 -12.32
C GLY C 16 22.57 3.91 -11.90
N GLY C 17 22.90 3.73 -10.62
CA GLY C 17 23.38 2.46 -10.09
C GLY C 17 22.31 1.40 -10.14
N THR C 18 22.66 0.17 -9.81
CA THR C 18 21.71 -0.93 -9.82
C THR C 18 21.69 -1.61 -8.47
N VAL C 19 20.50 -2.04 -8.06
CA VAL C 19 20.33 -2.75 -6.82
C VAL C 19 19.49 -4.02 -7.04
N THR C 20 19.83 -5.08 -6.33
CA THR C 20 19.11 -6.36 -6.43
C THR C 20 18.60 -6.87 -5.08
N ILE C 21 17.32 -7.22 -5.01
CA ILE C 21 16.73 -7.68 -3.75
C ILE C 21 16.15 -9.09 -3.85
N ASN C 22 16.37 -9.89 -2.82
CA ASN C 22 16.02 -11.29 -2.89
C ASN C 22 14.85 -11.60 -2.06
N CYS C 23 14.01 -12.52 -2.54
CA CYS C 23 12.91 -13.06 -1.75
C CYS C 23 12.95 -14.58 -1.94
N GLN C 24 12.89 -15.31 -0.84
CA GLN C 24 12.92 -16.76 -0.87
C GLN C 24 11.80 -17.31 -0.02
N ALA C 25 11.10 -18.32 -0.52
CA ALA C 25 9.89 -18.83 0.14
C ALA C 25 10.04 -20.21 0.74
N SER C 26 9.35 -20.42 1.87
CA SER C 26 9.39 -21.67 2.59
C SER C 26 8.72 -22.79 1.79
N GLN C 27 7.74 -22.43 0.98
CA GLN C 27 7.05 -23.36 0.10
C GLN C 27 7.11 -22.80 -1.29
N SER C 28 6.79 -23.63 -2.28
CA SER C 28 6.69 -23.15 -3.64
C SER C 28 5.47 -22.26 -3.71
N VAL C 29 5.46 -21.39 -4.69
CA VAL C 29 4.39 -20.40 -4.85
C VAL C 29 3.95 -20.32 -6.30
N SER C 30 4.81 -20.75 -7.21
CA SER C 30 4.51 -20.84 -8.62
C SER C 30 4.18 -19.48 -9.19
N ASN C 31 5.19 -18.64 -9.32
CA ASN C 31 5.07 -17.30 -9.91
C ASN C 31 3.96 -16.38 -9.33
N LEU C 32 3.40 -16.79 -8.19
CA LEU C 32 2.46 -15.94 -7.47
C LEU C 32 3.18 -15.02 -6.47
N LEU C 33 3.93 -14.06 -7.00
CA LEU C 33 4.66 -13.15 -6.16
C LEU C 33 4.55 -11.71 -6.62
N ALA C 34 4.60 -10.78 -5.68
CA ALA C 34 4.46 -9.37 -6.02
C ALA C 34 5.44 -8.51 -5.29
N TRP C 35 5.80 -7.39 -5.92
CA TRP C 35 6.76 -6.44 -5.35
C TRP C 35 6.11 -5.09 -5.16
N TYR C 36 6.31 -4.50 -3.98
CA TYR C 36 5.73 -3.23 -3.64
C TYR C 36 6.77 -2.24 -3.22
N GLN C 37 6.49 -0.95 -3.49
CA GLN C 37 7.33 0.16 -3.03
C GLN C 37 6.55 0.96 -2.01
N GLN C 38 7.20 1.43 -0.93
CA GLN C 38 6.56 2.32 0.05
C GLN C 38 7.49 3.40 0.57
N LYS C 39 7.04 4.65 0.50
CA LYS C 39 7.75 5.78 1.06
C LYS C 39 7.00 6.20 2.31
N PRO C 40 7.69 6.82 3.27
CA PRO C 40 7.07 7.09 4.57
C PRO C 40 5.86 8.00 4.42
N GLY C 41 4.88 7.82 5.29
CA GLY C 41 3.64 8.57 5.26
C GLY C 41 2.67 8.21 4.13
N GLN C 42 3.02 7.20 3.37
CA GLN C 42 2.22 6.82 2.20
C GLN C 42 1.94 5.32 2.19
N PRO C 43 0.86 4.95 1.49
CA PRO C 43 0.58 3.54 1.35
C PRO C 43 1.53 2.97 0.33
N PRO C 44 1.66 1.65 0.29
CA PRO C 44 2.54 1.07 -0.70
C PRO C 44 2.00 1.20 -2.12
N LYS C 45 2.88 1.03 -3.09
CA LYS C 45 2.53 1.10 -4.49
C LYS C 45 2.89 -0.25 -5.10
N LEU C 46 1.98 -0.80 -5.90
CA LEU C 46 2.24 -2.04 -6.60
C LEU C 46 3.20 -1.86 -7.75
N LEU C 47 4.30 -2.64 -7.69
CA LEU C 47 5.33 -2.63 -8.76
C LEU C 47 5.21 -3.86 -9.65
N ILE C 48 5.44 -5.04 -9.05
CA ILE C 48 5.43 -6.27 -9.81
C ILE C 48 4.38 -7.25 -9.30
N TYR C 49 3.75 -7.96 -10.23
CA TYR C 49 2.83 -9.02 -9.92
C TYR C 49 3.09 -10.17 -10.89
N GLY C 50 2.48 -11.31 -10.62
CA GLY C 50 2.99 -12.55 -11.19
C GLY C 50 4.36 -12.59 -10.59
N ALA C 51 5.38 -12.88 -11.37
CA ALA C 51 6.73 -12.63 -10.84
C ALA C 51 7.40 -11.58 -11.68
N SER C 52 6.92 -11.43 -12.89
CA SER C 52 7.59 -10.59 -13.87
C SER C 52 6.71 -9.48 -14.38
N ASN C 53 5.42 -9.53 -14.09
CA ASN C 53 4.50 -8.64 -14.76
C ASN C 53 4.55 -7.25 -14.20
N LEU C 54 4.86 -6.31 -15.06
CA LEU C 54 5.03 -4.94 -14.63
C LEU C 54 3.71 -4.16 -14.64
N GLU C 55 3.29 -3.68 -13.47
CA GLU C 55 2.09 -2.85 -13.34
C GLU C 55 2.24 -1.59 -14.18
N SER C 56 1.13 -1.14 -14.74
CA SER C 56 1.14 -0.04 -15.69
C SER C 56 1.59 1.23 -15.02
N GLY C 57 2.31 2.05 -15.77
CA GLY C 57 2.77 3.35 -15.28
C GLY C 57 4.15 3.29 -14.64
N VAL C 58 4.60 2.09 -14.31
CA VAL C 58 5.85 1.87 -13.58
C VAL C 58 7.05 1.69 -14.53
N PRO C 59 8.12 2.50 -14.34
CA PRO C 59 9.35 2.49 -15.13
C PRO C 59 9.88 1.10 -15.42
N SER C 60 10.53 0.95 -16.57
CA SER C 60 11.02 -0.35 -16.98
C SER C 60 12.28 -0.74 -16.21
N ARG C 61 12.87 0.22 -15.50
CA ARG C 61 14.08 -0.05 -14.73
C ARG C 61 13.83 -1.08 -13.64
N PHE C 62 12.56 -1.20 -13.26
CA PHE C 62 12.17 -2.21 -12.28
C PHE C 62 12.01 -3.56 -12.96
N ARG C 63 12.73 -4.56 -12.47
CA ARG C 63 12.76 -5.88 -13.11
C ARG C 63 12.45 -6.94 -12.11
N GLY C 64 11.43 -7.73 -12.38
CA GLY C 64 11.07 -8.84 -11.51
C GLY C 64 11.34 -10.16 -12.20
N SER C 65 11.91 -11.11 -11.47
CA SER C 65 12.10 -12.45 -12.01
C SER C 65 12.10 -13.52 -10.92
N GLY C 66 11.95 -14.76 -11.36
CA GLY C 66 12.05 -15.90 -10.45
C GLY C 66 10.97 -16.91 -10.67
N SER C 67 11.02 -17.98 -9.89
CA SER C 67 9.95 -19.00 -9.88
C SER C 67 10.21 -19.97 -8.74
N GLY C 68 9.23 -20.83 -8.50
CA GLY C 68 9.29 -21.74 -7.36
C GLY C 68 9.59 -20.89 -6.13
N THR C 69 10.65 -21.24 -5.42
CA THR C 69 11.03 -20.51 -4.21
C THR C 69 12.10 -19.41 -4.31
N GLU C 70 12.48 -18.98 -5.51
CA GLU C 70 13.57 -17.99 -5.64
C GLU C 70 13.17 -16.83 -6.53
N PHE C 71 13.20 -15.64 -5.96
CA PHE C 71 12.70 -14.43 -6.64
C PHE C 71 13.63 -13.27 -6.45
N THR C 72 13.72 -12.45 -7.48
CA THR C 72 14.62 -11.33 -7.43
C THR C 72 13.98 -10.09 -8.01
N LEU C 73 14.43 -8.93 -7.51
CA LEU C 73 13.94 -7.63 -7.98
C LEU C 73 15.10 -6.71 -8.19
N THR C 74 15.27 -6.24 -9.42
CA THR C 74 16.43 -5.44 -9.76
C THR C 74 16.05 -4.11 -10.33
N ILE C 75 16.48 -3.07 -9.66
CA ILE C 75 16.29 -1.70 -10.15
C ILE C 75 17.59 -1.31 -10.83
N SER C 76 17.51 -0.99 -12.11
CA SER C 76 18.70 -0.99 -12.97
C SER C 76 19.30 0.42 -13.11
N GLY C 77 18.46 1.34 -13.52
CA GLY C 77 18.91 2.72 -13.68
C GLY C 77 18.20 3.22 -12.50
N MET C 78 18.89 3.89 -11.58
CA MET C 78 18.28 4.23 -10.32
C MET C 78 18.19 5.73 -10.18
N LYS C 79 16.99 6.22 -9.87
CA LYS C 79 16.77 7.62 -9.67
C LYS C 79 16.68 7.94 -8.20
N ALA C 80 16.64 9.23 -7.88
CA ALA C 80 16.60 9.70 -6.48
C ALA C 80 15.32 9.25 -5.80
N GLU C 81 14.25 9.24 -6.60
CA GLU C 81 12.91 8.88 -6.13
C GLU C 81 12.78 7.41 -5.76
N ASP C 82 13.71 6.57 -6.19
CA ASP C 82 13.62 5.16 -5.91
C ASP C 82 13.91 4.84 -4.46
N ALA C 83 14.48 5.80 -3.75
CA ALA C 83 14.73 5.67 -2.33
C ALA C 83 13.44 5.42 -1.61
N ALA C 84 13.27 4.17 -1.19
CA ALA C 84 12.08 3.76 -0.46
C ALA C 84 12.30 2.42 0.22
N THR C 85 11.24 1.83 0.76
CA THR C 85 11.34 0.47 1.25
C THR C 85 10.53 -0.41 0.32
N TYR C 86 11.09 -1.56 -0.06
CA TYR C 86 10.46 -2.45 -1.03
C TYR C 86 10.14 -3.80 -0.39
N TYR C 87 8.96 -4.33 -0.69
CA TYR C 87 8.45 -5.54 -0.06
C TYR C 87 8.10 -6.60 -1.08
N CYS C 88 8.43 -7.85 -0.77
CA CYS C 88 7.94 -8.98 -1.55
C CYS C 88 6.70 -9.51 -0.85
N GLN C 89 5.70 -9.87 -1.66
CA GLN C 89 4.44 -10.40 -1.14
C GLN C 89 3.91 -11.51 -2.03
N SER C 90 3.31 -12.52 -1.40
CA SER C 90 2.64 -13.59 -2.14
C SER C 90 1.24 -13.63 -1.61
N GLY C 91 0.27 -13.65 -2.52
CA GLY C 91 -1.13 -13.76 -2.12
C GLY C 91 -1.87 -14.78 -2.95
N TYR C 92 -2.60 -15.65 -2.28
CA TYR C 92 -3.42 -16.61 -2.98
C TYR C 92 -4.81 -16.74 -2.42
N TYR C 93 -5.72 -16.95 -3.38
CA TYR C 93 -7.15 -16.85 -3.17
C TYR C 93 -7.50 -17.59 -1.91
N SER C 94 -6.95 -18.79 -1.74
CA SER C 94 -6.84 -19.39 -0.44
C SER C 94 -5.99 -20.63 -0.54
N ALA C 95 -5.20 -20.87 0.50
CA ALA C 95 -5.22 -20.07 1.71
C ALA C 95 -4.18 -18.93 1.73
N GLY C 96 -4.55 -17.82 2.36
CA GLY C 96 -3.57 -16.84 2.86
C GLY C 96 -3.10 -15.72 1.94
N ALA C 97 -2.18 -14.94 2.51
CA ALA C 97 -1.42 -13.88 1.82
C ALA C 97 -0.41 -13.33 2.82
N THR C 98 0.83 -13.13 2.38
CA THR C 98 1.93 -12.82 3.30
C THR C 98 2.95 -11.88 2.69
N PHE C 99 3.49 -11.00 3.53
CA PHE C 99 4.52 -10.06 3.11
C PHE C 99 5.93 -10.44 3.62
N GLY C 100 6.93 -9.87 2.98
CA GLY C 100 8.29 -10.01 3.47
C GLY C 100 8.59 -8.98 4.54
N ALA C 101 9.75 -9.10 5.15
CA ALA C 101 10.14 -8.15 6.18
C ALA C 101 10.42 -6.76 5.58
N GLY C 102 10.72 -6.71 4.28
CA GLY C 102 11.00 -5.48 3.59
C GLY C 102 12.47 -5.26 3.40
N THR C 103 12.82 -4.30 2.55
CA THR C 103 14.23 -3.94 2.34
C THR C 103 14.37 -2.46 2.11
N ASN C 104 15.19 -1.78 2.91
CA ASN C 104 15.37 -0.34 2.78
C ASN C 104 16.39 -0.01 1.71
N VAL C 105 16.10 0.97 0.88
CA VAL C 105 17.02 1.35 -0.19
C VAL C 105 17.49 2.79 -0.03
N GLU C 106 18.80 2.96 0.14
CA GLU C 106 19.41 4.31 0.29
C GLU C 106 20.08 4.74 -0.99
N ILE C 107 20.02 6.04 -1.26
CA ILE C 107 20.72 6.62 -2.42
C ILE C 107 22.05 7.21 -1.98
N LYS C 108 23.15 6.59 -2.42
CA LYS C 108 24.49 7.12 -2.21
C LYS C 108 24.58 8.50 -2.87
N ARG C 109 25.26 9.44 -2.23
CA ARG C 109 25.22 10.82 -2.65
C ARG C 109 26.54 11.50 -2.38
N THR C 110 26.80 12.56 -3.14
CA THR C 110 27.87 13.48 -2.85
C THR C 110 27.67 13.97 -1.43
N VAL C 111 28.73 13.94 -0.63
CA VAL C 111 28.65 14.43 0.76
C VAL C 111 28.20 15.89 0.80
N ALA C 112 27.15 16.18 1.56
CA ALA C 112 26.68 17.54 1.80
C ALA C 112 26.51 17.80 3.29
N ALA C 113 27.02 18.93 3.76
CA ALA C 113 27.00 19.27 5.17
C ALA C 113 25.71 20.01 5.53
N PRO C 114 25.26 19.86 6.77
CA PRO C 114 23.98 20.43 7.13
C PRO C 114 24.03 21.92 7.29
N SER C 115 22.94 22.59 7.01
CA SER C 115 22.81 23.98 7.35
C SER C 115 22.21 23.98 8.75
N VAL C 116 22.89 24.61 9.68
CA VAL C 116 22.46 24.57 11.07
C VAL C 116 21.70 25.83 11.50
N PHE C 117 20.54 25.61 12.10
CA PHE C 117 19.76 26.65 12.76
C PHE C 117 19.54 26.33 14.23
N ILE C 118 19.14 27.33 15.00
CA ILE C 118 18.80 27.13 16.41
C ILE C 118 17.66 28.07 16.80
N PHE C 119 16.68 27.51 17.52
CA PHE C 119 15.45 28.22 17.76
C PHE C 119 15.21 28.59 19.24
N PRO C 120 14.59 29.76 19.47
CA PRO C 120 14.20 30.23 20.79
C PRO C 120 12.88 29.64 21.24
N PRO C 121 12.75 29.28 22.52
CA PRO C 121 11.44 28.96 23.08
C PRO C 121 10.53 30.17 23.00
N SER C 122 9.29 29.98 22.57
CA SER C 122 8.38 31.10 22.41
C SER C 122 8.04 31.72 23.74
N ASP C 123 7.50 32.93 23.70
CA ASP C 123 7.03 33.60 24.91
C ASP C 123 5.94 32.72 25.51
N GLU C 124 5.04 32.25 24.65
CA GLU C 124 3.86 31.51 25.10
C GLU C 124 4.20 30.21 25.84
N GLN C 125 5.15 29.45 25.32
CA GLN C 125 5.60 28.25 26.00
C GLN C 125 6.28 28.58 27.34
N LEU C 126 6.88 29.76 27.42
CA LEU C 126 7.44 30.24 28.67
C LEU C 126 6.35 30.73 29.66
N LYS C 127 5.20 31.12 29.13
CA LYS C 127 4.07 31.48 29.99
C LYS C 127 3.66 30.24 30.73
N SER C 128 3.64 29.12 29.99
CA SER C 128 3.49 27.80 30.58
C SER C 128 4.76 27.46 31.34
N GLY C 129 4.78 26.30 31.99
CA GLY C 129 5.90 25.96 32.85
C GLY C 129 7.16 25.42 32.17
N THR C 130 7.06 25.07 30.89
CA THR C 130 8.16 24.36 30.21
C THR C 130 8.89 25.24 29.19
N ALA C 131 10.09 24.79 28.81
CA ALA C 131 10.88 25.45 27.77
C ALA C 131 11.72 24.48 26.92
N SER C 132 11.36 24.40 25.64
CA SER C 132 12.04 23.51 24.70
C SER C 132 12.89 24.37 23.77
N VAL C 133 14.06 23.86 23.42
CA VAL C 133 14.97 24.54 22.53
C VAL C 133 15.42 23.58 21.44
N VAL C 134 15.24 23.97 20.17
CA VAL C 134 15.53 23.08 19.06
C VAL C 134 16.70 23.51 18.21
N CYS C 135 17.43 22.52 17.69
CA CYS C 135 18.55 22.72 16.80
C CYS C 135 18.18 22.03 15.51
N LEU C 136 18.40 22.69 14.37
CA LEU C 136 17.94 22.19 13.07
C LEU C 136 19.11 21.91 12.15
N LEU C 137 19.16 20.69 11.65
CA LEU C 137 20.13 20.35 10.64
C LEU C 137 19.37 20.15 9.34
N ASN C 138 19.81 20.85 8.30
CA ASN C 138 19.08 20.87 7.04
C ASN C 138 19.82 20.33 5.82
N ASN C 139 19.22 19.36 5.15
CA ASN C 139 19.73 18.88 3.89
C ASN C 139 21.19 18.53 3.95
N PHE C 140 21.49 17.36 4.51
CA PHE C 140 22.88 16.92 4.60
C PHE C 140 23.05 15.45 4.29
N TYR C 141 24.26 15.08 3.92
CA TYR C 141 24.58 13.70 3.65
C TYR C 141 26.03 13.44 4.09
N PRO C 142 26.30 12.27 4.67
CA PRO C 142 25.36 11.20 4.96
C PRO C 142 24.55 11.44 6.23
N ARG C 143 23.69 10.45 6.50
CA ARG C 143 22.70 10.52 7.56
C ARG C 143 23.31 10.74 8.92
N GLU C 144 24.46 10.10 9.15
CA GLU C 144 25.14 10.12 10.44
C GLU C 144 25.55 11.56 10.83
N ALA C 145 25.12 11.96 12.00
CA ALA C 145 25.53 13.23 12.55
C ALA C 145 25.67 13.08 14.06
N LYS C 146 26.33 14.05 14.67
CA LYS C 146 26.43 14.13 16.12
C LYS C 146 26.01 15.52 16.52
N VAL C 147 25.03 15.59 17.41
CA VAL C 147 24.59 16.86 17.97
C VAL C 147 24.75 16.85 19.47
N GLN C 148 25.31 17.93 20.01
CA GLN C 148 25.45 18.10 21.46
C GLN C 148 25.12 19.50 21.93
N TRP C 149 24.23 19.55 22.91
CA TRP C 149 23.79 20.80 23.50
C TRP C 149 24.72 21.19 24.65
N LYS C 150 25.06 22.46 24.69
CA LYS C 150 25.74 23.04 25.82
C LYS C 150 25.31 24.49 25.86
N VAL C 151 25.02 24.98 27.06
CA VAL C 151 24.98 26.43 27.27
C VAL C 151 25.05 26.78 28.75
N ASP C 152 25.73 27.91 29.00
CA ASP C 152 26.05 28.43 30.35
C ASP C 152 26.26 27.31 31.39
N ASN C 153 27.15 26.34 31.08
CA ASN C 153 27.96 26.33 29.85
C ASN C 153 28.48 24.97 29.38
N ALA C 154 27.84 23.86 29.75
CA ALA C 154 28.43 22.55 29.38
C ALA C 154 27.51 21.32 29.36
N LEU C 155 27.67 20.55 28.30
CA LEU C 155 27.31 19.12 28.23
C LEU C 155 25.94 18.72 28.78
N GLN C 156 24.99 19.65 28.79
CA GLN C 156 23.63 19.37 29.22
C GLN C 156 23.13 18.21 28.36
N SER C 157 23.07 17.03 28.96
CA SER C 157 22.73 15.80 28.25
C SER C 157 21.88 14.80 29.09
N GLY C 158 21.10 13.97 28.38
CA GLY C 158 20.10 13.07 28.99
C GLY C 158 18.69 13.66 28.89
N ASN C 159 18.60 14.87 28.35
CA ASN C 159 17.34 15.62 28.27
C ASN C 159 17.05 16.11 26.84
N SER C 160 17.62 15.45 25.85
CA SER C 160 17.34 15.80 24.46
C SER C 160 16.69 14.63 23.71
N GLN C 161 15.90 14.98 22.72
CA GLN C 161 15.32 14.00 21.83
C GLN C 161 15.56 14.47 20.40
N GLU C 162 15.95 13.55 19.51
CA GLU C 162 16.12 13.89 18.11
C GLU C 162 15.31 13.06 17.13
N SER C 163 14.76 13.75 16.13
CA SER C 163 13.99 13.11 15.03
C SER C 163 14.64 13.40 13.72
N VAL C 164 14.63 12.41 12.86
CA VAL C 164 15.26 12.49 11.57
C VAL C 164 14.25 12.19 10.45
N THR C 165 14.29 13.01 9.40
CA THR C 165 13.39 12.83 8.27
C THR C 165 13.84 11.65 7.46
N GLU C 166 12.97 11.19 6.58
CA GLU C 166 13.35 10.22 5.58
C GLU C 166 14.26 10.92 4.56
N GLN C 167 14.92 10.13 3.72
CA GLN C 167 15.73 10.66 2.63
C GLN C 167 14.84 11.38 1.62
N ASP C 168 15.27 12.56 1.18
CA ASP C 168 14.49 13.36 0.22
C ASP C 168 14.33 12.62 -1.11
N SER C 169 13.22 12.88 -1.78
CA SER C 169 12.96 12.25 -3.09
C SER C 169 13.67 12.97 -4.23
N LYS C 170 14.04 14.22 -4.00
CA LYS C 170 14.72 15.05 -5.01
C LYS C 170 16.23 15.13 -4.83
N ASP C 171 16.69 15.56 -3.65
CA ASP C 171 18.13 15.77 -3.41
C ASP C 171 18.80 14.67 -2.57
N SER C 172 18.08 13.60 -2.29
CA SER C 172 18.61 12.46 -1.53
C SER C 172 19.34 12.82 -0.23
N THR C 173 18.90 13.87 0.45
CA THR C 173 19.50 14.26 1.73
C THR C 173 18.58 13.98 2.91
N TYR C 174 19.13 14.15 4.10
CA TYR C 174 18.35 14.03 5.34
C TYR C 174 18.28 15.38 6.01
N SER C 175 17.45 15.44 7.05
CA SER C 175 17.36 16.59 7.93
C SER C 175 16.99 16.10 9.33
N LEU C 176 17.34 16.88 10.35
CA LEU C 176 17.13 16.42 11.71
C LEU C 176 16.88 17.56 12.65
N SER C 177 15.98 17.32 13.60
CA SER C 177 15.73 18.26 14.66
C SER C 177 16.17 17.59 15.97
N SER C 178 16.88 18.33 16.81
CA SER C 178 17.19 17.91 18.18
C SER C 178 16.57 18.88 19.14
N THR C 179 15.83 18.38 20.12
CA THR C 179 15.15 19.26 21.05
C THR C 179 15.59 18.99 22.49
N LEU C 180 15.90 20.06 23.22
CA LEU C 180 16.28 19.97 24.61
C LEU C 180 15.21 20.64 25.43
N THR C 181 14.60 19.88 26.33
CA THR C 181 13.51 20.39 27.16
C THR C 181 13.99 20.56 28.59
N LEU C 182 13.61 21.67 29.20
CA LEU C 182 13.88 21.93 30.62
C LEU C 182 12.77 22.74 31.26
N SER C 183 12.73 22.75 32.60
CA SER C 183 11.76 23.57 33.34
C SER C 183 11.99 25.04 33.00
N LYS C 184 11.01 25.88 33.28
CA LYS C 184 11.11 27.29 32.95
C LYS C 184 12.34 27.92 33.58
N ALA C 185 12.39 27.89 34.91
CA ALA C 185 13.42 28.60 35.70
C ALA C 185 14.86 28.32 35.27
N ASP C 186 15.19 27.04 35.13
CA ASP C 186 16.54 26.60 34.82
C ASP C 186 17.12 27.39 33.66
N TYR C 187 16.48 27.29 32.50
CA TYR C 187 16.88 28.06 31.33
C TYR C 187 16.66 29.55 31.57
N GLU C 188 15.55 29.87 32.24
CA GLU C 188 15.09 31.25 32.43
C GLU C 188 16.19 32.20 32.91
N LYS C 189 16.93 31.78 33.94
CA LYS C 189 18.03 32.59 34.46
C LYS C 189 19.09 32.89 33.37
N HIS C 190 19.51 31.83 32.67
CA HIS C 190 20.49 31.96 31.61
C HIS C 190 19.89 32.70 30.40
N LYS C 191 20.75 33.32 29.60
CA LYS C 191 20.29 34.25 28.54
C LYS C 191 20.50 33.77 27.11
N VAL C 192 21.76 33.71 26.67
CA VAL C 192 22.12 33.22 25.34
C VAL C 192 22.33 31.69 25.37
N TYR C 193 22.27 31.06 24.18
CA TYR C 193 22.33 29.59 24.07
C TYR C 193 22.95 29.09 22.77
N ALA C 194 23.47 27.86 22.81
CA ALA C 194 24.22 27.28 21.66
C ALA C 194 24.18 25.75 21.49
N CYS C 195 24.20 25.34 20.21
CA CYS C 195 24.15 23.92 19.81
C CYS C 195 25.38 23.54 18.98
N GLU C 196 25.81 22.29 19.06
CA GLU C 196 27.05 21.89 18.41
C GLU C 196 26.91 20.65 17.53
N VAL C 197 27.41 20.74 16.29
CA VAL C 197 27.20 19.71 15.27
C VAL C 197 28.49 19.13 14.71
N THR C 198 28.61 17.81 14.69
CA THR C 198 29.77 17.13 14.13
C THR C 198 29.34 16.22 12.98
N HIS C 199 29.82 16.51 11.77
CA HIS C 199 29.41 15.80 10.58
C HIS C 199 30.61 15.60 9.66
N GLN C 200 30.54 14.54 8.87
CA GLN C 200 31.55 14.22 7.85
C GLN C 200 31.73 15.37 6.85
N GLY C 201 30.65 16.08 6.57
CA GLY C 201 30.66 17.16 5.58
C GLY C 201 31.37 18.40 6.07
N LEU C 202 31.46 18.57 7.38
CA LEU C 202 32.13 19.74 7.94
C LEU C 202 33.53 19.39 8.47
N SER C 203 34.48 20.33 8.25
CA SER C 203 35.90 20.15 8.60
C SER C 203 36.11 20.05 10.11
N SER C 204 35.46 20.95 10.84
CA SER C 204 35.49 20.98 12.30
C SER C 204 34.08 21.28 12.78
N PRO C 205 33.64 20.62 13.88
CA PRO C 205 32.22 20.84 14.21
C PRO C 205 31.76 22.30 14.47
N VAL C 206 30.48 22.53 14.14
CA VAL C 206 29.86 23.86 14.08
C VAL C 206 29.03 24.17 15.31
N THR C 207 29.19 25.37 15.83
CA THR C 207 28.40 25.82 16.96
C THR C 207 27.53 27.02 16.57
N LYS C 208 26.21 26.85 16.67
CA LYS C 208 25.25 27.89 16.34
C LYS C 208 24.58 28.37 17.61
N SER C 209 24.53 29.70 17.77
CA SER C 209 23.98 30.30 18.99
C SER C 209 22.87 31.32 18.70
#